data_3GJU
#
_entry.id   3GJU
#
_cell.length_a   113.224
_cell.length_b   59.577
_cell.length_c   85.337
_cell.angle_alpha   90.000
_cell.angle_beta   130.590
_cell.angle_gamma   90.000
#
_symmetry.space_group_name_H-M   'C 1 2 1'
#
loop_
_entity.id
_entity.type
_entity.pdbx_description
1 polymer 'Putative aminotransferase'
2 non-polymer "PYRIDOXAL-5'-PHOSPHATE"
3 non-polymer (4S)-2-METHYL-2,4-PENTANEDIOL
4 water water
#
_entity_poly.entity_id   1
_entity_poly.type   'polypeptide(L)'
_entity_poly.pdbx_seq_one_letter_code
;G(MSE)LNQSNELNAWDRDHFFHPSTH(MSE)GTHARGESPTRI(MSE)AGGEGVTVWDNNGRKSIDAFAGLYCVNVGYG
RQKIADAIATQAKNLAYYHAYVGHGTEASITLAK(MSE)IIDRAPKG(MSE)SRVYFGLSGSDANETNIKLIWYYNNVLG
RPEKKKIISRWRGYHGSGV(MSE)TGSLTGLDLFHNAFDLPRAPVLHTEAPYYFRRTDRS(MSE)SEEQFSQHCADKLEE
(MSE)ILAEGPETIAAFIGEPILGTGGIVPPPAGYWEKIQAVLKKYDVLLVADEVVTGFGRLGT(MSE)FGSDHYGIKPD
LITIA(LLP)GLTSAYAPLSGVIVADRVWQVLVQGSDKLGSLGHGWTYSAHPICVAAGVANLELIDE(MSE)DLVTNAGE
TGAYFRAELAKAVGGHKNVGEVRGDG(MSE)LAAVEFVADKDDRVFFDASQKIGPQVATALAASGVIGRA(MSE)PQGDI
LGFAPPLCLTREQADIVVSKTADAVKSVFANL
;
_entity_poly.pdbx_strand_id   A
#
loop_
_chem_comp.id
_chem_comp.type
_chem_comp.name
_chem_comp.formula
MPD non-polymer (4S)-2-METHYL-2,4-PENTANEDIOL 'C6 H14 O2'
PLP non-polymer PYRIDOXAL-5'-PHOSPHATE 'C8 H10 N O6 P'
#
# COMPACT_ATOMS: atom_id res chain seq x y z
N GLY A 1 9.99 -30.04 11.94
CA GLY A 1 9.71 -28.81 12.75
C GLY A 1 9.18 -29.19 14.13
N MSE A 2 8.56 -28.24 14.82
CA MSE A 2 7.92 -28.50 16.11
CA MSE A 2 7.91 -28.46 16.11
C MSE A 2 6.40 -28.54 15.98
O MSE A 2 5.74 -29.26 16.72
CB MSE A 2 8.32 -27.43 17.12
CB MSE A 2 8.23 -27.30 17.08
CG MSE A 2 7.88 -27.72 18.54
CG MSE A 2 9.27 -27.60 18.11
SE MSE A 2 8.15 -26.12 19.60
SE MSE A 2 9.49 -26.01 19.21
CE MSE A 2 9.94 -25.77 19.04
CE MSE A 2 7.63 -25.52 19.38
N LEU A 3 5.86 -27.76 15.04
CA LEU A 3 4.41 -27.54 14.87
C LEU A 3 3.82 -28.11 13.56
N ASN A 4 4.68 -28.69 12.70
CA ASN A 4 4.22 -29.24 11.41
C ASN A 4 3.51 -30.58 11.60
N GLN A 5 2.55 -30.87 10.73
CA GLN A 5 1.90 -32.18 10.69
C GLN A 5 2.62 -33.08 9.70
N SER A 6 2.69 -32.66 8.43
CA SER A 6 3.36 -33.44 7.39
C SER A 6 4.90 -33.37 7.51
N ASN A 7 5.56 -34.49 7.23
CA ASN A 7 7.00 -34.57 7.17
C ASN A 7 7.52 -34.23 5.73
N GLU A 8 6.61 -33.87 4.80
CA GLU A 8 6.97 -33.65 3.36
C GLU A 8 6.91 -32.21 2.88
N LEU A 9 6.77 -31.26 3.81
CA LEU A 9 6.49 -29.90 3.42
C LEU A 9 7.59 -29.25 2.61
N ASN A 10 8.87 -29.54 2.92
CA ASN A 10 9.93 -28.90 2.12
C ASN A 10 9.88 -29.35 0.64
N ALA A 11 9.75 -30.65 0.43
CA ALA A 11 9.68 -31.23 -0.90
C ALA A 11 8.47 -30.68 -1.64
N TRP A 12 7.30 -30.70 -1.01
CA TRP A 12 6.10 -30.18 -1.70
C TRP A 12 6.22 -28.71 -2.06
N ASP A 13 6.76 -27.93 -1.14
CA ASP A 13 6.91 -26.49 -1.31
C ASP A 13 7.79 -26.23 -2.53
N ARG A 14 8.97 -26.84 -2.50
CA ARG A 14 9.94 -26.57 -3.55
C ARG A 14 9.49 -27.18 -4.86
N ASP A 15 8.85 -28.34 -4.83
CA ASP A 15 8.46 -29.03 -6.07
C ASP A 15 7.17 -28.49 -6.74
N HIS A 16 6.30 -27.86 -5.96
CA HIS A 16 4.96 -27.51 -6.47
C HIS A 16 4.42 -26.11 -6.22
N PHE A 17 5.02 -25.35 -5.31
CA PHE A 17 4.49 -24.07 -4.90
C PHE A 17 5.25 -22.98 -5.64
N PHE A 18 4.54 -22.28 -6.52
CA PHE A 18 5.06 -21.13 -7.26
C PHE A 18 4.67 -19.91 -6.39
N HIS A 19 5.63 -19.44 -5.61
CA HIS A 19 5.45 -18.30 -4.72
C HIS A 19 5.40 -16.95 -5.45
N PRO A 20 4.56 -16.01 -4.94
CA PRO A 20 4.76 -14.64 -5.35
C PRO A 20 6.16 -14.11 -4.98
N SER A 21 6.69 -13.18 -5.78
CA SER A 21 7.89 -12.41 -5.40
CA SER A 21 7.87 -12.41 -5.38
C SER A 21 8.99 -13.29 -4.79
N THR A 22 9.34 -14.34 -5.52
CA THR A 22 10.36 -15.33 -5.15
C THR A 22 11.16 -15.71 -6.41
N HIS A 23 12.41 -16.08 -6.22
CA HIS A 23 13.25 -16.59 -7.28
C HIS A 23 12.86 -18.04 -7.54
N MSE A 24 12.32 -18.32 -8.72
CA MSE A 24 11.77 -19.67 -9.01
C MSE A 24 12.87 -20.74 -8.90
O MSE A 24 12.64 -21.81 -8.36
CB MSE A 24 11.18 -19.71 -10.42
CG MSE A 24 9.82 -18.95 -10.57
SE MSE A 24 10.07 -17.04 -10.86
CE MSE A 24 10.19 -17.10 -12.78
N GLY A 25 14.04 -20.42 -9.48
CA GLY A 25 15.13 -21.38 -9.51
C GLY A 25 15.74 -21.68 -8.16
N THR A 26 16.10 -20.64 -7.39
CA THR A 26 16.68 -20.91 -6.05
C THR A 26 15.70 -21.62 -5.16
N HIS A 27 14.45 -21.24 -5.24
CA HIS A 27 13.45 -21.91 -4.45
C HIS A 27 13.30 -23.36 -4.85
N ALA A 28 13.13 -23.63 -6.13
CA ALA A 28 12.94 -25.00 -6.61
C ALA A 28 14.13 -25.92 -6.25
N ARG A 29 15.33 -25.39 -6.37
CA ARG A 29 16.56 -26.18 -6.24
C ARG A 29 17.05 -26.31 -4.79
N GLY A 30 16.39 -25.63 -3.88
CA GLY A 30 16.78 -25.70 -2.46
C GLY A 30 17.93 -24.80 -2.05
N GLU A 31 18.17 -23.76 -2.82
CA GLU A 31 19.28 -22.83 -2.60
C GLU A 31 18.91 -21.64 -1.73
N SER A 32 17.67 -21.15 -1.86
CA SER A 32 17.18 -20.10 -0.99
C SER A 32 16.36 -20.68 0.18
N PRO A 33 16.43 -20.05 1.36
CA PRO A 33 15.65 -20.55 2.47
C PRO A 33 14.15 -20.32 2.31
N THR A 34 13.40 -21.06 3.10
CA THR A 34 11.96 -20.90 3.17
C THR A 34 11.55 -20.75 4.63
N ARG A 35 10.37 -20.19 4.87
CA ARG A 35 9.84 -20.10 6.22
C ARG A 35 8.35 -20.41 6.20
N ILE A 36 7.95 -21.45 6.94
CA ILE A 36 6.57 -21.87 7.00
C ILE A 36 5.97 -21.29 8.28
N MSE A 37 5.07 -20.34 8.13
CA MSE A 37 4.55 -19.59 9.27
CA MSE A 37 4.56 -19.56 9.28
C MSE A 37 3.42 -20.36 9.93
O MSE A 37 2.65 -21.05 9.24
CB MSE A 37 4.03 -18.24 8.76
CB MSE A 37 4.16 -18.14 8.78
CG MSE A 37 5.12 -17.41 8.11
CG MSE A 37 4.35 -16.92 9.77
SE MSE A 37 6.76 -17.27 9.12
SE MSE A 37 6.10 -16.59 10.70
CE MSE A 37 6.07 -16.75 10.86
CE MSE A 37 7.15 -15.56 9.42
N ALA A 38 3.33 -20.31 11.26
CA ALA A 38 2.41 -21.18 12.02
C ALA A 38 1.44 -20.41 12.91
N GLY A 39 1.87 -19.30 13.46
CA GLY A 39 1.06 -18.63 14.47
C GLY A 39 1.49 -17.23 14.76
N GLY A 40 0.72 -16.55 15.62
CA GLY A 40 1.07 -15.19 16.00
C GLY A 40 0.13 -14.60 17.02
N GLU A 41 0.64 -13.61 17.74
CA GLU A 41 -0.19 -12.88 18.71
C GLU A 41 0.42 -11.49 18.87
N GLY A 42 -0.42 -10.45 18.75
CA GLY A 42 0.03 -9.08 18.97
C GLY A 42 0.95 -8.65 17.86
N VAL A 43 2.21 -8.37 18.21
CA VAL A 43 3.22 -8.06 17.20
C VAL A 43 4.21 -9.22 16.90
N THR A 44 3.95 -10.36 17.52
CA THR A 44 4.85 -11.52 17.41
C THR A 44 4.27 -12.59 16.47
N VAL A 45 5.12 -13.09 15.59
CA VAL A 45 4.76 -14.20 14.69
C VAL A 45 5.74 -15.33 14.95
N TRP A 46 5.34 -16.56 14.61
CA TRP A 46 6.28 -17.66 14.69
C TRP A 46 6.08 -18.68 13.61
N ASP A 47 7.16 -19.39 13.32
CA ASP A 47 7.17 -20.39 12.26
C ASP A 47 6.93 -21.76 12.83
N ASN A 48 6.92 -22.78 11.95
CA ASN A 48 6.56 -24.12 12.36
C ASN A 48 7.70 -24.82 13.12
N ASN A 49 8.85 -24.17 13.21
CA ASN A 49 9.90 -24.61 14.15
C ASN A 49 9.70 -24.03 15.55
N GLY A 50 8.80 -23.06 15.67
CA GLY A 50 8.54 -22.34 16.92
C GLY A 50 9.41 -21.12 17.10
N ARG A 51 10.12 -20.72 16.06
CA ARG A 51 10.92 -19.51 16.15
C ARG A 51 10.05 -18.26 16.07
N LYS A 52 10.22 -17.40 17.08
CA LYS A 52 9.47 -16.14 17.18
C LYS A 52 10.23 -14.94 16.61
N SER A 53 9.47 -13.99 16.06
CA SER A 53 9.98 -12.71 15.57
C SER A 53 8.97 -11.62 15.90
N ILE A 54 9.46 -10.43 16.24
CA ILE A 54 8.60 -9.24 16.18
C ILE A 54 8.44 -8.83 14.71
N ASP A 55 7.20 -8.78 14.27
CA ASP A 55 6.90 -8.39 12.91
C ASP A 55 6.65 -6.91 12.78
N ALA A 56 7.73 -6.20 12.52
CA ALA A 56 7.66 -4.77 12.34
C ALA A 56 7.29 -4.33 10.95
N PHE A 57 6.79 -5.26 10.12
CA PHE A 57 6.19 -4.94 8.84
C PHE A 57 4.70 -5.34 8.70
N ALA A 58 4.12 -5.86 9.78
CA ALA A 58 2.70 -6.24 9.87
C ALA A 58 2.26 -7.05 8.63
N GLY A 59 3.01 -8.09 8.32
CA GLY A 59 2.79 -8.86 7.13
C GLY A 59 3.36 -8.12 5.94
N LEU A 60 2.45 -7.48 5.17
CA LEU A 60 2.83 -6.48 4.15
C LEU A 60 1.96 -5.25 4.40
N TYR A 61 2.35 -4.44 5.38
CA TYR A 61 1.59 -3.23 5.75
C TYR A 61 0.13 -3.53 6.00
N CYS A 62 -0.18 -4.67 6.57
CA CYS A 62 -1.58 -5.06 6.57
C CYS A 62 -2.19 -5.67 7.79
N VAL A 63 -1.38 -6.27 8.67
CA VAL A 63 -1.93 -6.88 9.88
C VAL A 63 -2.06 -5.79 10.94
N ASN A 64 -2.99 -4.87 10.69
CA ASN A 64 -2.98 -3.61 11.41
C ASN A 64 -3.43 -3.66 12.86
N VAL A 65 -4.42 -4.49 13.19
CA VAL A 65 -4.83 -4.66 14.59
C VAL A 65 -3.88 -5.59 15.36
N GLY A 66 -2.90 -6.15 14.66
CA GLY A 66 -2.03 -7.17 15.21
C GLY A 66 -2.57 -8.57 14.98
N TYR A 67 -1.78 -9.55 15.38
CA TYR A 67 -2.07 -10.96 15.18
C TYR A 67 -2.94 -11.57 16.32
N GLY A 68 -3.69 -12.60 15.97
CA GLY A 68 -4.43 -13.41 16.92
C GLY A 68 -5.62 -12.73 17.56
N ARG A 69 -6.27 -11.81 16.84
CA ARG A 69 -7.44 -11.13 17.37
C ARG A 69 -8.67 -12.01 17.13
N GLN A 70 -9.09 -12.66 18.18
CA GLN A 70 -10.15 -13.65 18.03
C GLN A 70 -11.53 -13.05 17.70
N LYS A 71 -11.72 -11.77 17.99
CA LYS A 71 -12.94 -11.09 17.51
C LYS A 71 -13.13 -11.20 15.98
N ILE A 72 -12.07 -10.99 15.21
CA ILE A 72 -12.17 -11.04 13.79
C ILE A 72 -12.24 -12.49 13.34
N ALA A 73 -11.42 -13.38 13.90
CA ALA A 73 -11.51 -14.82 13.57
C ALA A 73 -12.89 -15.38 13.84
N ASP A 74 -13.47 -15.00 14.96
CA ASP A 74 -14.84 -15.45 15.29
C ASP A 74 -15.88 -14.90 14.30
N ALA A 75 -15.70 -13.66 13.83
CA ALA A 75 -16.60 -13.07 12.86
C ALA A 75 -16.56 -13.82 11.51
N ILE A 76 -15.35 -14.18 11.10
CA ILE A 76 -15.17 -15.00 9.93
C ILE A 76 -15.82 -16.36 10.09
N ALA A 77 -15.58 -17.00 11.23
CA ALA A 77 -16.09 -18.34 11.52
C ALA A 77 -17.64 -18.35 11.51
N THR A 78 -18.24 -17.35 12.16
CA THR A 78 -19.70 -17.23 12.19
C THR A 78 -20.33 -17.11 10.81
N GLN A 79 -19.76 -16.23 10.00
CA GLN A 79 -20.24 -16.06 8.63
C GLN A 79 -19.99 -17.32 7.80
N ALA A 80 -18.79 -17.92 7.93
CA ALA A 80 -18.48 -19.13 7.20
C ALA A 80 -19.49 -20.26 7.49
N LYS A 81 -19.91 -20.36 8.75
CA LYS A 81 -20.92 -21.36 9.17
C LYS A 81 -22.31 -21.06 8.63
N ASN A 82 -22.73 -19.81 8.71
CA ASN A 82 -24.11 -19.42 8.34
C ASN A 82 -24.33 -19.38 6.84
N LEU A 83 -23.44 -18.68 6.15
CA LEU A 83 -23.45 -18.59 4.68
C LEU A 83 -22.10 -18.09 4.20
N ALA A 84 -21.24 -19.01 3.81
CA ALA A 84 -19.90 -18.63 3.39
C ALA A 84 -19.94 -17.81 2.09
N TYR A 85 -20.83 -18.15 1.18
CA TYR A 85 -20.90 -17.50 -0.10
C TYR A 85 -22.30 -17.47 -0.71
N TYR A 86 -22.67 -16.30 -1.21
CA TYR A 86 -23.58 -16.17 -2.30
C TYR A 86 -23.07 -14.92 -3.09
N HIS A 87 -23.49 -14.81 -4.34
CA HIS A 87 -23.03 -13.72 -5.17
C HIS A 87 -23.75 -12.41 -4.79
N ALA A 88 -23.18 -11.31 -5.26
CA ALA A 88 -23.75 -9.99 -5.07
C ALA A 88 -24.20 -9.37 -6.41
N TYR A 89 -24.42 -10.22 -7.41
CA TYR A 89 -24.87 -9.78 -8.72
C TYR A 89 -26.38 -9.43 -8.69
N VAL A 90 -26.80 -8.59 -9.63
CA VAL A 90 -28.22 -8.27 -9.81
CA VAL A 90 -28.21 -8.20 -9.81
C VAL A 90 -28.87 -7.95 -8.46
N GLY A 91 -28.26 -7.04 -7.70
CA GLY A 91 -28.88 -6.65 -6.41
C GLY A 91 -28.92 -7.61 -5.25
N HIS A 92 -28.14 -8.68 -5.31
CA HIS A 92 -27.99 -9.62 -4.21
C HIS A 92 -26.87 -9.16 -3.28
N GLY A 93 -27.03 -9.51 -2.02
CA GLY A 93 -26.06 -9.11 -0.98
C GLY A 93 -26.21 -9.92 0.27
N THR A 94 -25.51 -9.50 1.33
CA THR A 94 -25.67 -10.07 2.67
C THR A 94 -25.73 -8.90 3.64
N GLU A 95 -26.19 -9.15 4.85
CA GLU A 95 -26.13 -8.10 5.87
C GLU A 95 -24.69 -7.58 6.07
N ALA A 96 -23.70 -8.47 6.05
CA ALA A 96 -22.33 -8.06 6.21
C ALA A 96 -21.82 -7.11 5.12
N SER A 97 -22.11 -7.38 3.86
CA SER A 97 -21.61 -6.49 2.81
C SER A 97 -22.29 -5.11 2.84
N ILE A 98 -23.59 -5.12 3.06
CA ILE A 98 -24.35 -3.86 3.13
C ILE A 98 -23.90 -2.99 4.30
N THR A 99 -23.70 -3.62 5.44
CA THR A 99 -23.23 -2.95 6.67
C THR A 99 -21.83 -2.38 6.47
N LEU A 100 -20.94 -3.19 5.88
CA LEU A 100 -19.57 -2.70 5.62
C LEU A 100 -19.53 -1.50 4.69
N ALA A 101 -20.33 -1.50 3.61
CA ALA A 101 -20.34 -0.35 2.65
C ALA A 101 -20.68 0.91 3.43
N LYS A 102 -21.70 0.81 4.28
CA LYS A 102 -22.09 1.95 5.14
C LYS A 102 -20.99 2.38 6.09
N MSE A 103 -20.37 1.42 6.77
CA MSE A 103 -19.26 1.75 7.68
C MSE A 103 -18.10 2.44 6.96
O MSE A 103 -17.47 3.32 7.53
CB MSE A 103 -18.79 0.47 8.36
CG MSE A 103 -19.81 -0.13 9.32
SE MSE A 103 -19.16 -1.78 10.10
CE MSE A 103 -17.80 -1.01 11.27
N ILE A 104 -17.80 2.02 5.75
CA ILE A 104 -16.68 2.61 4.99
C ILE A 104 -17.01 4.04 4.63
N ILE A 105 -18.23 4.26 4.14
CA ILE A 105 -18.64 5.60 3.75
C ILE A 105 -18.61 6.53 4.95
N ASP A 106 -19.12 6.08 6.09
CA ASP A 106 -19.07 6.89 7.34
C ASP A 106 -17.65 7.38 7.68
N ARG A 107 -16.67 6.52 7.44
CA ARG A 107 -15.30 6.82 7.79
C ARG A 107 -14.55 7.62 6.72
N ALA A 108 -15.01 7.52 5.47
CA ALA A 108 -14.39 8.19 4.32
C ALA A 108 -14.65 9.69 4.29
N PRO A 109 -13.87 10.43 3.50
CA PRO A 109 -14.14 11.85 3.41
C PRO A 109 -15.59 12.17 2.96
N LYS A 110 -16.18 13.19 3.56
CA LYS A 110 -17.49 13.61 3.15
C LYS A 110 -17.52 13.90 1.62
N GLY A 111 -18.55 13.40 0.97
CA GLY A 111 -18.76 13.49 -0.47
C GLY A 111 -18.56 12.14 -1.17
N MSE A 112 -17.91 11.21 -0.49
CA MSE A 112 -17.83 9.80 -0.93
CA MSE A 112 -17.82 9.85 -0.99
C MSE A 112 -19.19 9.18 -0.78
O MSE A 112 -19.84 9.39 0.24
CB MSE A 112 -16.89 8.99 -0.04
CB MSE A 112 -16.70 9.10 -0.27
CG MSE A 112 -15.42 9.26 -0.14
CG MSE A 112 -15.36 9.87 -0.17
SE MSE A 112 -14.82 9.06 -1.95
SE MSE A 112 -14.59 10.19 -1.93
CE MSE A 112 -14.45 10.86 -2.26
CE MSE A 112 -14.73 8.38 -2.34
N SER A 113 -19.66 8.38 -1.75
CA SER A 113 -20.94 7.72 -1.49
C SER A 113 -21.09 6.24 -1.75
N ARG A 114 -20.34 5.64 -2.68
CA ARG A 114 -20.53 4.22 -2.97
C ARG A 114 -19.21 3.46 -2.80
N VAL A 115 -19.34 2.17 -2.51
CA VAL A 115 -18.19 1.25 -2.42
C VAL A 115 -18.42 0.01 -3.28
N TYR A 116 -17.43 -0.33 -4.10
CA TYR A 116 -17.46 -1.55 -4.92
C TYR A 116 -16.38 -2.47 -4.35
N PHE A 117 -16.74 -3.70 -4.03
CA PHE A 117 -15.81 -4.63 -3.35
C PHE A 117 -15.08 -5.54 -4.31
N GLY A 118 -13.82 -5.82 -3.98
CA GLY A 118 -13.02 -6.81 -4.67
C GLY A 118 -12.24 -7.61 -3.66
N LEU A 119 -11.14 -8.21 -4.09
CA LEU A 119 -10.33 -9.11 -3.28
C LEU A 119 -8.90 -8.61 -3.02
N SER A 120 -8.34 -7.87 -3.97
CA SER A 120 -6.97 -7.37 -3.86
CA SER A 120 -6.98 -7.36 -3.86
C SER A 120 -6.91 -5.90 -4.28
N GLY A 121 -5.90 -5.21 -3.75
CA GLY A 121 -5.64 -3.82 -4.17
C GLY A 121 -5.49 -3.71 -5.66
N SER A 122 -4.78 -4.70 -6.28
CA SER A 122 -4.63 -4.71 -7.73
C SER A 122 -5.98 -4.73 -8.48
N ASP A 123 -6.96 -5.54 -8.02
CA ASP A 123 -8.23 -5.57 -8.73
C ASP A 123 -9.01 -4.28 -8.51
N ALA A 124 -8.77 -3.59 -7.38
CA ALA A 124 -9.47 -2.34 -7.10
C ALA A 124 -8.96 -1.28 -8.07
N ASN A 125 -7.64 -1.26 -8.29
CA ASN A 125 -7.11 -0.33 -9.30
C ASN A 125 -7.53 -0.70 -10.71
N GLU A 126 -7.70 -1.98 -10.98
CA GLU A 126 -8.27 -2.41 -12.25
C GLU A 126 -9.70 -1.85 -12.44
N THR A 127 -10.54 -2.01 -11.40
CA THR A 127 -11.86 -1.42 -11.42
C THR A 127 -11.80 0.11 -11.66
N ASN A 128 -10.90 0.77 -10.95
CA ASN A 128 -10.73 2.21 -11.17
C ASN A 128 -10.54 2.55 -12.67
N ILE A 129 -9.65 1.83 -13.36
CA ILE A 129 -9.35 2.10 -14.77
C ILE A 129 -10.63 1.97 -15.59
N LYS A 130 -11.35 0.86 -15.39
CA LYS A 130 -12.60 0.66 -16.16
C LYS A 130 -13.62 1.76 -15.89
N LEU A 131 -13.71 2.19 -14.64
CA LEU A 131 -14.64 3.27 -14.28
C LEU A 131 -14.27 4.61 -14.90
N ILE A 132 -12.97 4.90 -14.92
CA ILE A 132 -12.46 6.13 -15.48
C ILE A 132 -12.78 6.21 -16.97
N TRP A 133 -12.58 5.08 -17.67
CA TRP A 133 -12.85 5.05 -19.11
C TRP A 133 -14.35 5.11 -19.36
N TYR A 134 -15.10 4.33 -18.58
CA TYR A 134 -16.59 4.34 -18.69
C TYR A 134 -17.15 5.76 -18.48
N TYR A 135 -16.64 6.43 -17.47
CA TYR A 135 -17.08 7.76 -17.09
C TYR A 135 -16.89 8.72 -18.26
N ASN A 136 -15.70 8.68 -18.87
CA ASN A 136 -15.42 9.58 -19.97
C ASN A 136 -16.18 9.23 -21.24
N ASN A 137 -16.43 7.94 -21.48
CA ASN A 137 -17.26 7.57 -22.64
C ASN A 137 -18.73 8.06 -22.47
N VAL A 138 -19.24 7.92 -21.25
CA VAL A 138 -20.59 8.41 -20.90
C VAL A 138 -20.71 9.93 -21.14
N LEU A 139 -19.64 10.67 -20.79
CA LEU A 139 -19.62 12.10 -20.96
C LEU A 139 -19.36 12.55 -22.39
N GLY A 140 -19.15 11.62 -23.31
CA GLY A 140 -18.90 11.97 -24.69
C GLY A 140 -17.50 12.51 -24.90
N ARG A 141 -16.53 11.94 -24.16
CA ARG A 141 -15.11 12.35 -24.19
C ARG A 141 -14.26 11.09 -24.45
N PRO A 142 -14.47 10.48 -25.62
CA PRO A 142 -13.76 9.23 -25.94
C PRO A 142 -12.23 9.34 -25.97
N GLU A 143 -11.67 10.54 -26.19
CA GLU A 143 -10.21 10.73 -26.20
C GLU A 143 -9.60 10.91 -24.80
N LYS A 144 -10.45 11.16 -23.79
CA LYS A 144 -10.00 11.49 -22.42
C LYS A 144 -9.81 10.22 -21.60
N LYS A 145 -8.64 9.59 -21.78
CA LYS A 145 -8.39 8.21 -21.31
C LYS A 145 -7.03 7.96 -20.70
N LYS A 146 -6.07 8.86 -20.89
CA LYS A 146 -4.73 8.63 -20.39
C LYS A 146 -4.73 8.75 -18.86
N ILE A 147 -3.86 7.95 -18.25
CA ILE A 147 -3.75 7.92 -16.79
CA ILE A 147 -3.75 7.89 -16.78
C ILE A 147 -2.31 8.21 -16.39
N ILE A 148 -2.12 9.26 -15.58
CA ILE A 148 -0.79 9.68 -15.14
C ILE A 148 -0.56 9.09 -13.75
N SER A 149 0.46 8.24 -13.66
CA SER A 149 1.01 7.73 -12.42
C SER A 149 2.38 8.40 -12.20
N ARG A 150 3.19 7.84 -11.32
CA ARG A 150 4.46 8.43 -10.95
C ARG A 150 5.53 7.34 -10.81
N TRP A 151 6.73 7.69 -11.18
CA TRP A 151 7.87 6.82 -10.86
C TRP A 151 7.93 6.56 -9.36
N ARG A 152 8.27 5.30 -9.04
CA ARG A 152 8.29 4.68 -7.73
C ARG A 152 6.90 4.49 -7.12
N GLY A 153 5.81 4.82 -7.80
CA GLY A 153 4.49 4.46 -7.31
C GLY A 153 4.32 2.93 -7.31
N TYR A 154 3.48 2.45 -6.38
CA TYR A 154 3.06 1.04 -6.39
C TYR A 154 1.56 0.99 -6.37
N HIS A 155 1.01 0.34 -7.40
CA HIS A 155 -0.41 0.28 -7.65
C HIS A 155 -0.94 -1.11 -7.98
N GLY A 156 -0.06 -2.12 -7.86
CA GLY A 156 -0.44 -3.51 -8.10
C GLY A 156 0.48 -4.18 -9.11
N SER A 157 0.15 -5.43 -9.43
CA SER A 157 1.07 -6.36 -10.04
C SER A 157 0.45 -7.05 -11.26
N GLY A 158 -0.61 -6.48 -11.79
CA GLY A 158 -1.22 -6.98 -13.06
C GLY A 158 -0.57 -6.39 -14.31
N VAL A 159 -1.27 -6.51 -15.44
CA VAL A 159 -0.80 -5.89 -16.69
C VAL A 159 -1.04 -4.38 -16.66
N MSE A 160 -2.31 -3.97 -16.51
CA MSE A 160 -2.58 -2.53 -16.41
CA MSE A 160 -2.61 -2.55 -16.40
C MSE A 160 -2.11 -1.94 -15.08
O MSE A 160 -1.57 -0.85 -15.06
CB MSE A 160 -4.06 -2.22 -16.64
CB MSE A 160 -4.12 -2.34 -16.55
CG MSE A 160 -4.49 -2.55 -18.07
CG MSE A 160 -4.59 -1.00 -16.16
SE MSE A 160 -3.33 -1.89 -19.52
SE MSE A 160 -3.92 0.49 -17.23
CE MSE A 160 -3.64 -0.09 -19.11
CE MSE A 160 -4.73 -0.02 -18.90
N THR A 161 -2.30 -2.68 -14.00
CA THR A 161 -1.93 -2.13 -12.69
C THR A 161 -0.41 -2.14 -12.47
N GLY A 162 0.26 -3.13 -13.04
CA GLY A 162 1.72 -3.12 -13.08
C GLY A 162 2.27 -1.98 -13.93
N SER A 163 1.52 -1.58 -14.97
CA SER A 163 1.87 -0.40 -15.78
C SER A 163 1.76 0.86 -14.91
N LEU A 164 0.69 0.97 -14.12
CA LEU A 164 0.58 2.08 -13.20
C LEU A 164 1.75 2.12 -12.19
N THR A 165 2.11 0.98 -11.64
CA THR A 165 3.31 0.85 -10.86
C THR A 165 4.52 1.45 -11.56
N GLY A 166 5.36 2.14 -10.78
CA GLY A 166 6.51 2.87 -11.33
C GLY A 166 7.85 2.31 -10.86
N LEU A 167 7.87 0.99 -10.61
CA LEU A 167 9.07 0.28 -10.16
C LEU A 167 9.38 -0.77 -11.20
N ASP A 168 10.63 -0.79 -11.68
CA ASP A 168 11.06 -1.62 -12.80
CA ASP A 168 10.98 -1.62 -12.83
C ASP A 168 10.79 -3.12 -12.65
N LEU A 169 10.86 -3.60 -11.41
CA LEU A 169 10.66 -5.04 -11.12
C LEU A 169 9.34 -5.55 -11.72
N PHE A 170 8.32 -4.69 -11.69
CA PHE A 170 6.96 -5.03 -12.18
C PHE A 170 6.76 -4.78 -13.66
N HIS A 171 7.79 -4.31 -14.35
CA HIS A 171 7.79 -4.00 -15.77
C HIS A 171 8.70 -4.91 -16.62
N ASN A 172 9.91 -5.18 -16.11
CA ASN A 172 10.96 -5.79 -16.94
C ASN A 172 10.56 -7.18 -17.36
N ALA A 173 10.64 -7.48 -18.66
CA ALA A 173 10.27 -8.79 -19.21
C ALA A 173 8.77 -9.07 -19.22
N PHE A 174 7.96 -8.08 -18.85
CA PHE A 174 6.51 -8.24 -18.92
C PHE A 174 5.86 -7.30 -19.95
N ASP A 175 6.69 -6.55 -20.71
CA ASP A 175 6.22 -5.65 -21.76
C ASP A 175 5.31 -4.55 -21.18
N LEU A 176 5.67 -4.08 -20.00
CA LEU A 176 5.00 -2.95 -19.37
C LEU A 176 6.00 -1.79 -19.25
N PRO A 177 5.50 -0.56 -19.15
CA PRO A 177 4.10 -0.14 -19.07
C PRO A 177 3.47 -0.05 -20.42
N ARG A 178 2.16 -0.27 -20.45
CA ARG A 178 1.35 -0.19 -21.66
CA ARG A 178 1.42 -0.17 -21.69
C ARG A 178 0.64 1.15 -21.75
N ALA A 179 0.39 1.58 -22.98
CA ALA A 179 -0.49 2.72 -23.19
C ALA A 179 -1.87 2.38 -22.60
N PRO A 180 -2.60 3.38 -22.08
CA PRO A 180 -2.29 4.82 -22.09
C PRO A 180 -1.78 5.34 -20.73
N VAL A 181 -0.90 4.59 -20.07
CA VAL A 181 -0.33 4.98 -18.78
C VAL A 181 0.92 5.82 -19.04
N LEU A 182 1.06 6.88 -18.26
CA LEU A 182 2.23 7.77 -18.31
C LEU A 182 2.75 7.89 -16.88
N HIS A 183 4.02 8.28 -16.72
CA HIS A 183 4.62 8.44 -15.39
C HIS A 183 5.31 9.78 -15.28
N THR A 184 4.89 10.52 -14.23
CA THR A 184 5.54 11.78 -13.88
C THR A 184 6.51 11.59 -12.71
N GLU A 185 6.97 12.70 -12.13
CA GLU A 185 8.09 12.67 -11.19
C GLU A 185 7.80 11.84 -9.95
N ALA A 186 8.82 11.10 -9.50
CA ALA A 186 8.76 10.49 -8.19
C ALA A 186 8.64 11.57 -7.11
N PRO A 187 7.69 11.42 -6.18
CA PRO A 187 7.49 12.44 -5.14
C PRO A 187 8.49 12.25 -3.99
N TYR A 188 9.78 12.43 -4.28
CA TYR A 188 10.85 11.80 -3.47
C TYR A 188 11.96 12.81 -3.23
N TYR A 189 11.77 13.62 -2.20
CA TYR A 189 12.65 14.77 -1.95
C TYR A 189 14.14 14.38 -1.81
N PHE A 190 14.41 13.26 -1.13
CA PHE A 190 15.80 12.90 -0.83
C PHE A 190 16.64 12.75 -2.12
N ARG A 191 16.00 12.29 -3.20
CA ARG A 191 16.68 12.03 -4.48
C ARG A 191 16.52 13.11 -5.54
N ARG A 192 16.04 14.29 -5.16
CA ARG A 192 15.89 15.40 -6.11
C ARG A 192 17.21 15.69 -6.81
N THR A 193 17.12 16.07 -8.09
CA THR A 193 18.31 16.39 -8.86
C THR A 193 18.98 17.65 -8.33
N ASP A 194 18.19 18.67 -7.98
CA ASP A 194 18.72 19.96 -7.54
C ASP A 194 18.61 20.04 -6.01
N ARG A 195 19.71 19.74 -5.33
CA ARG A 195 19.73 19.71 -3.88
C ARG A 195 19.54 21.06 -3.21
N SER A 196 19.67 22.15 -3.97
CA SER A 196 19.42 23.49 -3.41
C SER A 196 17.91 23.75 -3.22
N MSE A 197 17.03 22.90 -3.79
CA MSE A 197 15.59 23.13 -3.65
C MSE A 197 15.14 22.79 -2.25
O MSE A 197 15.47 21.73 -1.70
CB MSE A 197 14.81 22.27 -4.65
CG MSE A 197 14.86 22.74 -6.08
SE MSE A 197 13.76 21.62 -7.20
CE MSE A 197 13.93 22.54 -8.92
N SER A 198 14.35 23.67 -1.68
CA SER A 198 13.63 23.36 -0.47
C SER A 198 12.53 22.34 -0.77
N GLU A 199 11.87 21.83 0.27
CA GLU A 199 10.78 20.89 0.04
C GLU A 199 9.68 21.54 -0.82
N GLU A 200 9.33 22.80 -0.52
CA GLU A 200 8.23 23.44 -1.22
C GLU A 200 8.62 23.72 -2.67
N GLN A 201 9.89 24.08 -2.91
CA GLN A 201 10.37 24.33 -4.27
C GLN A 201 10.35 23.05 -5.09
N PHE A 202 10.71 21.93 -4.44
CA PHE A 202 10.70 20.62 -5.11
C PHE A 202 9.26 20.21 -5.44
N SER A 203 8.35 20.46 -4.50
CA SER A 203 6.94 20.23 -4.73
C SER A 203 6.44 21.05 -5.91
N GLN A 204 6.86 22.33 -6.02
CA GLN A 204 6.48 23.13 -7.17
C GLN A 204 7.08 22.62 -8.48
N HIS A 205 8.31 22.12 -8.42
CA HIS A 205 8.95 21.52 -9.58
C HIS A 205 8.13 20.30 -10.02
N CYS A 206 7.71 19.46 -9.07
CA CYS A 206 6.86 18.31 -9.44
C CYS A 206 5.56 18.79 -10.08
N ALA A 207 4.92 19.80 -9.51
CA ALA A 207 3.66 20.33 -10.10
C ALA A 207 3.87 20.86 -11.49
N ASP A 208 4.94 21.61 -11.69
CA ASP A 208 5.27 22.16 -12.98
C ASP A 208 5.53 21.06 -14.03
N LYS A 209 6.28 20.03 -13.66
CA LYS A 209 6.52 18.90 -14.57
C LYS A 209 5.20 18.18 -14.92
N LEU A 210 4.29 18.05 -13.95
CA LEU A 210 2.98 17.46 -14.25
C LEU A 210 2.20 18.33 -15.27
N GLU A 211 2.19 19.62 -15.02
CA GLU A 211 1.56 20.57 -15.95
C GLU A 211 2.12 20.52 -17.39
N GLU A 212 3.44 20.48 -17.51
CA GLU A 212 4.11 20.34 -18.78
C GLU A 212 3.69 19.04 -19.49
N MSE A 213 3.60 17.94 -18.74
CA MSE A 213 3.16 16.66 -19.30
C MSE A 213 1.71 16.73 -19.84
O MSE A 213 1.43 16.30 -20.97
CB MSE A 213 3.32 15.51 -18.30
CG MSE A 213 2.76 14.22 -18.81
SE MSE A 213 3.10 12.78 -17.57
CE MSE A 213 4.91 12.42 -18.05
N ILE A 214 0.82 17.28 -19.02
CA ILE A 214 -0.59 17.40 -19.37
C ILE A 214 -0.71 18.21 -20.66
N LEU A 215 0.02 19.33 -20.73
CA LEU A 215 -0.06 20.21 -21.88
C LEU A 215 0.54 19.56 -23.13
N ALA A 216 1.66 18.86 -22.96
CA ALA A 216 2.31 18.16 -24.08
C ALA A 216 1.47 17.06 -24.65
N GLU A 217 0.81 16.32 -23.78
CA GLU A 217 -0.08 15.24 -24.19
C GLU A 217 -1.43 15.71 -24.74
N GLY A 218 -1.83 16.91 -24.35
CA GLY A 218 -3.16 17.47 -24.67
C GLY A 218 -4.06 17.23 -23.48
N PRO A 219 -4.48 18.28 -22.77
CA PRO A 219 -5.28 18.06 -21.55
C PRO A 219 -6.57 17.26 -21.80
N GLU A 220 -7.15 17.48 -22.98
CA GLU A 220 -8.35 16.75 -23.40
C GLU A 220 -8.16 15.24 -23.45
N THR A 221 -6.91 14.77 -23.40
CA THR A 221 -6.60 13.32 -23.45
C THR A 221 -6.25 12.72 -22.09
N ILE A 222 -6.09 13.56 -21.08
CA ILE A 222 -5.70 13.10 -19.73
C ILE A 222 -6.95 12.90 -18.88
N ALA A 223 -7.22 11.64 -18.50
CA ALA A 223 -8.42 11.32 -17.72
C ALA A 223 -8.19 11.41 -16.23
N ALA A 224 -7.04 10.96 -15.75
CA ALA A 224 -6.84 10.75 -14.29
C ALA A 224 -5.38 10.75 -13.91
N PHE A 225 -5.15 11.04 -12.64
CA PHE A 225 -3.86 10.95 -11.97
C PHE A 225 -4.06 10.08 -10.77
N ILE A 226 -3.14 9.13 -10.56
CA ILE A 226 -3.19 8.24 -9.43
C ILE A 226 -1.93 8.41 -8.59
N GLY A 227 -2.10 8.47 -7.28
CA GLY A 227 -1.01 8.47 -6.32
C GLY A 227 -1.40 7.97 -4.96
N GLU A 228 -0.46 7.24 -4.35
CA GLU A 228 -0.49 6.97 -2.93
C GLU A 228 -0.22 8.30 -2.19
N PRO A 229 -0.95 8.53 -1.09
CA PRO A 229 -0.63 9.76 -0.32
C PRO A 229 0.85 9.85 0.09
N ILE A 230 1.39 8.73 0.58
CA ILE A 230 2.78 8.53 0.92
C ILE A 230 3.22 7.24 0.24
N LEU A 231 4.39 7.23 -0.38
CA LEU A 231 4.84 6.01 -1.11
C LEU A 231 5.09 4.89 -0.13
N GLY A 232 4.54 3.72 -0.42
CA GLY A 232 4.74 2.50 0.38
C GLY A 232 5.93 1.75 -0.15
N THR A 233 5.65 0.82 -1.06
CA THR A 233 6.70 -0.04 -1.61
C THR A 233 7.81 0.71 -2.37
N GLY A 234 7.50 1.90 -2.88
CA GLY A 234 8.51 2.75 -3.45
C GLY A 234 9.45 3.48 -2.51
N GLY A 235 9.36 3.18 -1.22
CA GLY A 235 10.38 3.58 -0.30
C GLY A 235 9.99 4.20 1.02
N ILE A 236 8.70 4.11 1.40
CA ILE A 236 8.20 4.76 2.64
CA ILE A 236 8.14 4.77 2.59
C ILE A 236 8.58 6.24 2.58
N VAL A 237 7.98 6.95 1.63
CA VAL A 237 8.35 8.33 1.30
C VAL A 237 7.18 9.28 1.51
N PRO A 238 7.18 10.00 2.65
CA PRO A 238 6.15 11.04 2.82
C PRO A 238 6.24 12.07 1.70
N PRO A 239 5.10 12.68 1.35
CA PRO A 239 5.15 13.72 0.32
C PRO A 239 5.87 14.97 0.86
N PRO A 240 6.62 15.67 0.00
CA PRO A 240 7.27 16.87 0.47
C PRO A 240 6.24 17.98 0.77
N ALA A 241 6.63 18.92 1.61
CA ALA A 241 5.76 20.04 1.96
C ALA A 241 5.21 20.72 0.72
N GLY A 242 3.90 20.90 0.71
CA GLY A 242 3.26 21.64 -0.39
C GLY A 242 2.86 20.74 -1.54
N TYR A 243 3.32 19.50 -1.55
CA TYR A 243 3.13 18.62 -2.72
C TYR A 243 1.65 18.48 -3.12
N TRP A 244 0.85 18.00 -2.18
CA TRP A 244 -0.55 17.66 -2.53
C TRP A 244 -1.37 18.88 -2.86
N GLU A 245 -1.07 20.00 -2.21
CA GLU A 245 -1.75 21.25 -2.52
CA GLU A 245 -1.74 21.26 -2.51
C GLU A 245 -1.45 21.67 -3.96
N LYS A 246 -0.17 21.61 -4.34
CA LYS A 246 0.25 22.09 -5.66
CA LYS A 246 0.24 22.10 -5.66
C LYS A 246 -0.19 21.15 -6.80
N ILE A 247 -0.11 19.86 -6.55
CA ILE A 247 -0.56 18.87 -7.51
C ILE A 247 -2.06 19.00 -7.76
N GLN A 248 -2.83 19.15 -6.72
CA GLN A 248 -4.28 19.29 -6.88
C GLN A 248 -4.69 20.53 -7.61
N ALA A 249 -3.93 21.61 -7.43
CA ALA A 249 -4.20 22.85 -8.19
C ALA A 249 -4.02 22.61 -9.71
N VAL A 250 -2.99 21.85 -10.11
CA VAL A 250 -2.80 21.50 -11.51
C VAL A 250 -3.89 20.60 -12.07
N LEU A 251 -4.26 19.58 -11.32
CA LEU A 251 -5.27 18.63 -11.78
C LEU A 251 -6.62 19.36 -12.01
N LYS A 252 -7.01 20.19 -11.05
CA LYS A 252 -8.24 21.02 -11.12
CA LYS A 252 -8.25 21.01 -11.13
C LYS A 252 -8.25 21.89 -12.39
N LYS A 253 -7.10 22.46 -12.71
CA LYS A 253 -6.96 23.34 -13.83
C LYS A 253 -7.29 22.68 -15.19
N TYR A 254 -7.05 21.37 -15.27
CA TYR A 254 -7.23 20.59 -16.51
C TYR A 254 -8.33 19.52 -16.43
N ASP A 255 -9.16 19.57 -15.38
CA ASP A 255 -10.30 18.66 -15.25
C ASP A 255 -9.86 17.20 -15.26
N VAL A 256 -8.88 16.90 -14.43
CA VAL A 256 -8.29 15.57 -14.35
C VAL A 256 -8.73 14.92 -13.04
N LEU A 257 -9.27 13.71 -13.14
CA LEU A 257 -9.70 12.99 -11.95
C LEU A 257 -8.53 12.62 -11.08
N LEU A 258 -8.79 12.57 -9.77
CA LEU A 258 -7.79 12.21 -8.77
C LEU A 258 -8.13 10.89 -8.08
N VAL A 259 -7.23 9.90 -8.25
CA VAL A 259 -7.38 8.61 -7.59
C VAL A 259 -6.34 8.58 -6.45
N ALA A 260 -6.81 8.55 -5.22
CA ALA A 260 -5.93 8.35 -4.07
C ALA A 260 -5.84 6.85 -3.80
N ASP A 261 -4.65 6.30 -4.05
CA ASP A 261 -4.43 4.87 -3.77
C ASP A 261 -4.07 4.72 -2.29
N GLU A 262 -5.08 4.33 -1.49
CA GLU A 262 -4.98 4.19 -0.03
C GLU A 262 -4.91 2.73 0.43
N VAL A 263 -4.39 1.85 -0.42
CA VAL A 263 -4.27 0.46 -0.03
C VAL A 263 -3.44 0.32 1.29
N VAL A 264 -2.33 1.09 1.41
CA VAL A 264 -1.53 1.12 2.65
C VAL A 264 -2.12 2.08 3.69
N THR A 265 -2.52 3.28 3.24
CA THR A 265 -2.86 4.34 4.17
C THR A 265 -4.27 4.22 4.76
N GLY A 266 -5.17 3.51 4.10
CA GLY A 266 -6.57 3.41 4.55
C GLY A 266 -6.71 2.80 5.93
N PHE A 267 -7.61 3.39 6.73
CA PHE A 267 -7.98 2.86 8.05
C PHE A 267 -6.88 2.95 9.11
N GLY A 268 -6.22 4.09 9.16
CA GLY A 268 -5.54 4.52 10.36
C GLY A 268 -4.03 4.58 10.36
N ARG A 269 -3.37 4.05 9.33
CA ARG A 269 -1.92 3.85 9.42
C ARG A 269 -1.12 5.13 9.69
N LEU A 270 -1.60 6.26 9.19
CA LEU A 270 -0.91 7.54 9.35
C LEU A 270 -1.26 8.28 10.65
N GLY A 271 -2.20 7.72 11.43
CA GLY A 271 -2.73 8.37 12.67
C GLY A 271 -3.95 9.24 12.39
N THR A 272 -4.48 9.09 11.17
CA THR A 272 -5.73 9.68 10.71
C THR A 272 -6.44 8.56 9.96
N MSE A 273 -7.75 8.54 9.96
CA MSE A 273 -8.47 7.39 9.41
C MSE A 273 -8.16 7.18 7.95
O MSE A 273 -7.90 6.04 7.54
CB MSE A 273 -9.98 7.51 9.63
CG MSE A 273 -10.78 6.26 9.19
SE MSE A 273 -10.54 4.69 10.22
CE MSE A 273 -11.44 5.20 11.92
N PHE A 274 -8.16 8.26 7.18
CA PHE A 274 -7.74 8.25 5.79
C PHE A 274 -6.52 9.14 5.60
N GLY A 275 -5.57 8.65 4.82
CA GLY A 275 -4.45 9.44 4.32
C GLY A 275 -4.85 10.67 3.50
N SER A 276 -5.95 10.60 2.75
CA SER A 276 -6.46 11.76 2.01
C SER A 276 -6.75 12.90 2.99
N ASP A 277 -7.39 12.58 4.11
CA ASP A 277 -7.65 13.63 5.09
CA ASP A 277 -7.67 13.56 5.16
C ASP A 277 -6.37 14.09 5.75
N HIS A 278 -5.48 13.17 6.07
CA HIS A 278 -4.18 13.51 6.63
C HIS A 278 -3.38 14.55 5.82
N TYR A 279 -3.39 14.46 4.49
CA TYR A 279 -2.59 15.35 3.65
C TYR A 279 -3.43 16.38 2.87
N GLY A 280 -4.73 16.44 3.15
CA GLY A 280 -5.58 17.42 2.48
C GLY A 280 -5.87 17.14 1.02
N ILE A 281 -5.96 15.87 0.71
CA ILE A 281 -6.31 15.39 -0.61
C ILE A 281 -7.81 15.21 -0.72
N LYS A 282 -8.38 15.71 -1.80
CA LYS A 282 -9.81 15.61 -2.10
C LYS A 282 -9.99 14.73 -3.36
N PRO A 283 -10.06 13.42 -3.17
CA PRO A 283 -10.06 12.51 -4.32
C PRO A 283 -11.43 12.23 -4.89
N ASP A 284 -11.43 11.76 -6.13
CA ASP A 284 -12.63 11.31 -6.82
C ASP A 284 -12.88 9.81 -6.65
N LEU A 285 -11.79 9.06 -6.49
CA LEU A 285 -11.80 7.61 -6.29
C LEU A 285 -10.73 7.30 -5.24
N ILE A 286 -11.04 6.38 -4.36
CA ILE A 286 -10.12 5.90 -3.31
C ILE A 286 -9.98 4.38 -3.39
N THR A 287 -8.74 3.91 -3.51
CA THR A 287 -8.45 2.50 -3.51
C THR A 287 -8.17 2.07 -2.09
N ILE A 288 -8.80 0.97 -1.66
CA ILE A 288 -8.57 0.39 -0.32
C ILE A 288 -8.37 -1.14 -0.38
N ALA A 289 -7.59 -1.69 0.57
CA ALA A 289 -7.39 -3.11 0.75
C ALA A 289 -6.63 -3.28 2.08
N1 LLP A 290 -1.50 -0.14 -4.00
C2 LLP A 290 -0.70 0.04 -2.90
C2' LLP A 290 -0.34 1.44 -2.52
C3 LLP A 290 -0.24 -1.06 -2.16
O3 LLP A 290 0.48 -0.85 -1.19
C4 LLP A 290 -0.61 -2.36 -2.52
C4' LLP A 290 -0.10 -3.55 -1.72
C5 LLP A 290 -1.42 -2.55 -3.66
C6 LLP A 290 -1.86 -1.43 -4.38
C5' LLP A 290 -1.81 -3.92 -4.11
OP4 LLP A 290 -2.61 -4.78 -3.27
P LLP A 290 -2.69 -6.33 -3.68
OP1 LLP A 290 -1.31 -6.84 -3.39
OP2 LLP A 290 -3.80 -6.78 -2.79
OP3 LLP A 290 -3.00 -6.37 -5.12
N LLP A 290 -5.72 -4.24 2.17
CA LLP A 290 -4.84 -4.43 3.34
CB LLP A 290 -3.51 -3.67 3.13
CG LLP A 290 -2.71 -4.25 1.95
CD LLP A 290 -1.34 -3.61 1.68
CE LLP A 290 -0.61 -4.25 0.50
NZ LLP A 290 0.08 -3.27 -0.42
C LLP A 290 -5.51 -4.15 4.70
O LLP A 290 -6.21 -5.02 5.21
N LYS A 290 -5.72 -4.24 2.18
CA LYS A 290 -4.85 -4.41 3.37
C LYS A 290 -5.55 -4.15 4.71
N GLY A 291 -5.35 -2.96 5.29
CA GLY A 291 -5.90 -2.63 6.59
C GLY A 291 -7.42 -2.59 6.72
N LEU A 292 -8.15 -2.72 5.61
CA LEU A 292 -9.58 -2.80 5.61
C LEU A 292 -10.07 -4.00 6.39
N THR A 293 -9.31 -5.10 6.31
CA THR A 293 -9.62 -6.29 7.08
C THR A 293 -8.48 -6.73 8.03
N SER A 294 -7.46 -5.89 8.17
CA SER A 294 -6.17 -6.26 8.75
C SER A 294 -5.63 -7.59 8.17
N ALA A 295 -5.97 -7.83 6.92
CA ALA A 295 -5.56 -9.03 6.18
C ALA A 295 -6.15 -10.32 6.74
N TYR A 296 -7.12 -10.25 7.64
CA TYR A 296 -7.68 -11.49 8.23
C TYR A 296 -8.42 -12.31 7.16
N ALA A 297 -8.90 -11.61 6.13
CA ALA A 297 -9.52 -12.21 4.95
C ALA A 297 -9.24 -11.25 3.82
N PRO A 298 -9.14 -11.77 2.59
CA PRO A 298 -8.83 -10.87 1.48
C PRO A 298 -10.03 -9.96 1.14
N LEU A 299 -9.79 -8.67 0.93
CA LEU A 299 -10.87 -7.73 0.57
C LEU A 299 -10.24 -6.46 0.02
N SER A 300 -10.87 -5.92 -1.01
CA SER A 300 -10.51 -4.62 -1.55
C SER A 300 -11.76 -3.78 -1.75
N GLY A 301 -11.56 -2.50 -1.97
CA GLY A 301 -12.64 -1.61 -2.26
C GLY A 301 -12.24 -0.48 -3.19
N VAL A 302 -13.23 0.02 -3.92
CA VAL A 302 -13.13 1.31 -4.63
C VAL A 302 -14.23 2.20 -4.02
N ILE A 303 -13.82 3.32 -3.41
CA ILE A 303 -14.76 4.28 -2.88
C ILE A 303 -14.96 5.36 -3.95
N VAL A 304 -16.23 5.63 -4.26
CA VAL A 304 -16.57 6.48 -5.41
C VAL A 304 -17.16 7.81 -4.89
N ALA A 305 -16.59 8.96 -5.33
CA ALA A 305 -17.14 10.26 -4.98
C ALA A 305 -18.52 10.44 -5.62
N ASP A 306 -19.41 11.14 -4.92
CA ASP A 306 -20.79 11.18 -5.37
C ASP A 306 -20.89 11.84 -6.76
N ARG A 307 -20.04 12.82 -7.06
CA ARG A 307 -20.09 13.47 -8.39
C ARG A 307 -19.73 12.51 -9.53
N VAL A 308 -18.73 11.65 -9.30
CA VAL A 308 -18.43 10.57 -10.25
C VAL A 308 -19.58 9.56 -10.30
N TRP A 309 -20.07 9.18 -9.12
CA TRP A 309 -21.20 8.25 -9.04
C TRP A 309 -22.39 8.71 -9.91
N GLN A 310 -22.71 9.99 -9.86
CA GLN A 310 -23.93 10.45 -10.55
C GLN A 310 -23.77 10.26 -12.08
N VAL A 311 -22.54 10.42 -12.58
CA VAL A 311 -22.27 10.20 -14.00
C VAL A 311 -22.41 8.69 -14.33
N LEU A 312 -21.91 7.83 -13.43
CA LEU A 312 -22.05 6.40 -13.61
C LEU A 312 -23.52 5.99 -13.68
N VAL A 313 -24.36 6.59 -12.83
CA VAL A 313 -25.80 6.30 -12.85
C VAL A 313 -26.40 6.71 -14.21
N GLN A 314 -25.99 7.87 -14.72
CA GLN A 314 -26.46 8.33 -16.05
C GLN A 314 -26.06 7.34 -17.13
N GLY A 315 -24.88 6.77 -16.99
CA GLY A 315 -24.43 5.74 -17.89
C GLY A 315 -25.28 4.50 -17.85
N SER A 316 -25.58 4.00 -16.64
CA SER A 316 -26.45 2.83 -16.51
C SER A 316 -27.85 3.09 -17.11
N ASP A 317 -28.35 4.30 -16.97
CA ASP A 317 -29.66 4.60 -17.56
C ASP A 317 -29.67 4.52 -19.07
N LYS A 318 -28.51 4.73 -19.71
CA LYS A 318 -28.39 4.60 -21.18
C LYS A 318 -27.94 3.22 -21.62
N LEU A 319 -27.07 2.57 -20.83
CA LEU A 319 -26.40 1.36 -21.29
C LEU A 319 -26.87 0.10 -20.58
N GLY A 320 -27.56 0.24 -19.46
CA GLY A 320 -28.03 -0.91 -18.71
C GLY A 320 -27.11 -1.41 -17.61
N SER A 321 -27.32 -2.66 -17.19
CA SER A 321 -26.60 -3.28 -16.08
C SER A 321 -25.08 -3.25 -16.36
N LEU A 322 -24.27 -3.00 -15.33
CA LEU A 322 -22.84 -2.86 -15.51
C LEU A 322 -22.14 -4.16 -15.95
N GLY A 323 -21.35 -4.06 -17.02
CA GLY A 323 -20.53 -5.18 -17.45
C GLY A 323 -19.23 -5.29 -16.67
N HIS A 324 -19.37 -5.45 -15.37
CA HIS A 324 -18.24 -5.58 -14.44
C HIS A 324 -18.66 -6.36 -13.19
N GLY A 325 -17.93 -7.44 -12.89
CA GLY A 325 -18.21 -8.23 -11.71
C GLY A 325 -17.08 -9.23 -11.51
N TRP A 326 -16.78 -9.47 -10.24
CA TRP A 326 -15.93 -10.58 -9.83
C TRP A 326 -16.84 -11.56 -9.12
N THR A 327 -16.64 -12.85 -9.37
CA THR A 327 -17.45 -13.87 -8.68
C THR A 327 -17.49 -13.64 -7.18
N TYR A 328 -16.32 -13.28 -6.63
CA TYR A 328 -16.16 -13.12 -5.19
C TYR A 328 -16.26 -11.65 -4.71
N SER A 329 -16.81 -10.78 -5.57
CA SER A 329 -17.14 -9.41 -5.14
C SER A 329 -18.11 -9.50 -3.95
N ALA A 330 -17.74 -8.83 -2.88
CA ALA A 330 -18.51 -8.79 -1.63
C ALA A 330 -18.61 -10.16 -0.88
N HIS A 331 -17.59 -10.99 -1.07
CA HIS A 331 -17.57 -12.33 -0.49
C HIS A 331 -17.92 -12.26 0.97
N PRO A 332 -18.97 -12.99 1.40
CA PRO A 332 -19.50 -12.82 2.77
C PRO A 332 -18.49 -12.99 3.92
N ILE A 333 -17.57 -13.97 3.88
CA ILE A 333 -16.65 -14.10 5.01
C ILE A 333 -15.63 -12.93 5.04
N CYS A 334 -15.35 -12.38 3.86
CA CYS A 334 -14.41 -11.28 3.73
C CYS A 334 -14.98 -9.95 4.21
N VAL A 335 -16.19 -9.63 3.80
CA VAL A 335 -16.89 -8.45 4.35
C VAL A 335 -17.19 -8.57 5.86
N ALA A 336 -17.50 -9.78 6.33
CA ALA A 336 -17.64 -10.02 7.76
C ALA A 336 -16.37 -9.67 8.52
N ALA A 337 -15.22 -10.07 7.98
CA ALA A 337 -13.93 -9.72 8.58
C ALA A 337 -13.76 -8.20 8.60
N GLY A 338 -14.18 -7.55 7.52
CA GLY A 338 -14.07 -6.10 7.46
C GLY A 338 -14.91 -5.39 8.52
N VAL A 339 -16.14 -5.85 8.73
CA VAL A 339 -16.97 -5.28 9.82
C VAL A 339 -16.29 -5.39 11.20
N ALA A 340 -15.86 -6.60 11.55
CA ALA A 340 -15.18 -6.85 12.83
C ALA A 340 -13.90 -6.05 12.98
N ASN A 341 -13.11 -6.01 11.91
CA ASN A 341 -11.88 -5.27 11.91
C ASN A 341 -12.09 -3.78 12.17
N LEU A 342 -13.01 -3.15 11.44
CA LEU A 342 -13.23 -1.73 11.64
C LEU A 342 -13.75 -1.43 13.04
N GLU A 343 -14.63 -2.28 13.59
CA GLU A 343 -15.01 -2.10 14.99
C GLU A 343 -13.80 -2.21 15.94
N LEU A 344 -12.92 -3.18 15.67
CA LEU A 344 -11.76 -3.43 16.53
C LEU A 344 -10.77 -2.27 16.50
N ILE A 345 -10.60 -1.65 15.33
CA ILE A 345 -9.75 -0.48 15.21
C ILE A 345 -10.23 0.62 16.17
N ASP A 346 -11.55 0.83 16.23
CA ASP A 346 -12.09 1.83 17.14
C ASP A 346 -11.97 1.38 18.59
N GLU A 347 -12.28 0.13 18.87
CA GLU A 347 -12.26 -0.36 20.25
C GLU A 347 -10.88 -0.31 20.87
N MSE A 348 -9.85 -0.55 20.06
CA MSE A 348 -8.47 -0.57 20.53
C MSE A 348 -7.81 0.82 20.42
O MSE A 348 -6.64 0.97 20.80
CB MSE A 348 -7.65 -1.61 19.76
CG MSE A 348 -8.04 -3.07 20.07
SE MSE A 348 -6.97 -4.32 19.01
CE MSE A 348 -5.27 -4.20 20.04
N ASP A 349 -8.54 1.79 19.88
CA ASP A 349 -8.09 3.17 19.71
C ASP A 349 -6.79 3.23 18.90
N LEU A 350 -6.77 2.48 17.78
CA LEU A 350 -5.53 2.29 17.02
C LEU A 350 -5.18 3.45 16.11
N VAL A 351 -6.15 4.31 15.74
CA VAL A 351 -5.82 5.46 14.93
C VAL A 351 -4.98 6.42 15.77
N THR A 352 -5.43 6.62 17.00
CA THR A 352 -4.66 7.41 18.00
C THR A 352 -3.28 6.80 18.24
N ASN A 353 -3.23 5.49 18.49
CA ASN A 353 -1.95 4.86 18.78
C ASN A 353 -1.00 4.94 17.60
N ALA A 354 -1.52 4.78 16.37
CA ALA A 354 -0.68 4.81 15.18
C ALA A 354 0.03 6.16 15.09
N GLY A 355 -0.71 7.24 15.33
CA GLY A 355 -0.12 8.59 15.32
C GLY A 355 0.85 8.86 16.47
N GLU A 356 0.42 8.52 17.67
CA GLU A 356 1.20 8.87 18.88
C GLU A 356 2.43 7.96 19.04
N THR A 357 2.24 6.64 18.97
CA THR A 357 3.37 5.70 19.08
C THR A 357 4.19 5.68 17.80
N GLY A 358 3.54 5.97 16.67
CA GLY A 358 4.28 6.14 15.45
C GLY A 358 5.26 7.30 15.51
N ALA A 359 4.80 8.44 16.00
CA ALA A 359 5.70 9.57 16.20
C ALA A 359 6.87 9.24 17.15
N TYR A 360 6.55 8.56 18.24
CA TYR A 360 7.57 8.12 19.22
C TYR A 360 8.60 7.21 18.53
N PHE A 361 8.10 6.22 17.77
CA PHE A 361 8.95 5.25 17.08
C PHE A 361 9.89 5.96 16.11
N ARG A 362 9.33 6.86 15.32
CA ARG A 362 10.12 7.57 14.33
C ARG A 362 11.19 8.48 14.97
N ALA A 363 10.84 9.16 16.05
CA ALA A 363 11.79 9.99 16.77
C ALA A 363 12.95 9.17 17.35
N GLU A 364 12.60 8.04 17.96
CA GLU A 364 13.58 7.11 18.50
C GLU A 364 14.52 6.52 17.45
N LEU A 365 13.97 6.18 16.29
CA LEU A 365 14.78 5.69 15.20
C LEU A 365 15.76 6.78 14.73
N ALA A 366 15.26 8.01 14.60
CA ALA A 366 16.12 9.12 14.19
C ALA A 366 17.28 9.32 15.17
N LYS A 367 16.99 9.30 16.48
CA LYS A 367 18.03 9.43 17.47
C LYS A 367 19.04 8.29 17.40
N ALA A 368 18.56 7.08 17.16
CA ALA A 368 19.41 5.88 17.23
C ALA A 368 20.36 5.69 16.07
N VAL A 369 19.92 6.04 14.86
CA VAL A 369 20.71 5.79 13.66
C VAL A 369 20.87 6.96 12.71
N GLY A 370 20.11 8.04 12.92
CA GLY A 370 20.16 9.20 12.02
C GLY A 370 21.55 9.83 11.91
N GLY A 371 22.32 9.71 12.98
CA GLY A 371 23.69 10.21 13.03
C GLY A 371 24.74 9.32 12.39
N HIS A 372 24.38 8.10 11.97
CA HIS A 372 25.37 7.19 11.42
C HIS A 372 25.85 7.70 10.06
N LYS A 373 27.15 7.51 9.80
CA LYS A 373 27.81 8.01 8.59
CA LYS A 373 27.74 8.09 8.58
C LYS A 373 27.21 7.46 7.28
N ASN A 374 26.57 6.28 7.37
CA ASN A 374 25.99 5.67 6.18
C ASN A 374 24.46 5.72 6.15
N VAL A 375 23.86 6.48 7.06
CA VAL A 375 22.43 6.74 7.05
C VAL A 375 22.18 8.11 6.40
N GLY A 376 21.67 8.10 5.16
CA GLY A 376 21.36 9.33 4.44
C GLY A 376 20.11 10.01 4.99
N GLU A 377 19.12 9.22 5.42
CA GLU A 377 17.84 9.77 5.87
C GLU A 377 17.06 8.77 6.72
N VAL A 378 16.43 9.27 7.80
CA VAL A 378 15.38 8.57 8.51
C VAL A 378 14.11 9.40 8.25
N ARG A 379 13.05 8.74 7.79
CA ARG A 379 11.85 9.43 7.34
C ARG A 379 10.62 8.60 7.69
N GLY A 380 9.44 9.21 7.58
CA GLY A 380 8.22 8.50 7.77
C GLY A 380 7.11 9.44 8.22
N ASP A 381 5.94 8.84 8.44
CA ASP A 381 4.80 9.57 9.00
C ASP A 381 3.87 8.53 9.61
N GLY A 382 3.16 8.88 10.69
CA GLY A 382 2.38 7.89 11.42
C GLY A 382 3.22 6.65 11.73
N MSE A 383 2.61 5.47 11.50
CA MSE A 383 3.24 4.19 11.80
C MSE A 383 3.90 3.60 10.52
O MSE A 383 3.74 2.43 10.21
CB MSE A 383 2.17 3.24 12.41
CG MSE A 383 2.70 1.95 13.01
SE MSE A 383 3.99 2.24 14.49
CE MSE A 383 2.72 2.66 15.87
N LEU A 384 4.61 4.45 9.78
CA LEU A 384 5.47 4.08 8.64
C LEU A 384 6.82 4.78 8.82
N ALA A 385 7.90 4.02 8.68
CA ALA A 385 9.24 4.59 8.78
C ALA A 385 10.23 3.87 7.91
N ALA A 386 11.24 4.62 7.51
CA ALA A 386 12.32 4.06 6.71
C ALA A 386 13.67 4.67 7.08
N VAL A 387 14.73 3.86 6.92
CA VAL A 387 16.11 4.28 7.05
C VAL A 387 16.75 4.02 5.67
N GLU A 388 17.21 5.08 5.02
CA GLU A 388 17.86 4.97 3.76
C GLU A 388 19.37 5.13 3.90
N PHE A 389 20.11 4.17 3.34
CA PHE A 389 21.55 4.09 3.45
C PHE A 389 22.24 4.67 2.21
N VAL A 390 23.35 5.33 2.47
CA VAL A 390 24.23 5.90 1.45
C VAL A 390 25.71 5.60 1.76
N ALA A 391 26.55 5.63 0.71
CA ALA A 391 28.00 5.37 0.83
C ALA A 391 28.72 6.61 1.35
N ASP A 392 28.21 7.78 0.94
CA ASP A 392 28.73 9.09 1.41
C ASP A 392 27.58 10.07 1.61
N LYS A 393 27.45 10.61 2.81
CA LYS A 393 26.33 11.51 3.11
C LYS A 393 26.48 12.89 2.51
N ASP A 394 27.66 13.51 2.70
CA ASP A 394 27.85 14.89 2.20
C ASP A 394 27.57 15.03 0.69
N ASP A 395 28.09 14.09 -0.08
CA ASP A 395 28.00 14.15 -1.51
C ASP A 395 26.86 13.25 -2.07
N ARG A 396 26.05 12.68 -1.20
CA ARG A 396 24.93 11.80 -1.54
C ARG A 396 25.36 10.76 -2.56
N VAL A 397 26.37 9.97 -2.21
CA VAL A 397 26.80 8.88 -3.06
C VAL A 397 26.10 7.61 -2.62
N PHE A 398 25.39 6.98 -3.54
CA PHE A 398 24.71 5.72 -3.26
C PHE A 398 25.64 4.52 -3.44
N PHE A 399 25.38 3.48 -2.68
CA PHE A 399 26.05 2.20 -2.89
C PHE A 399 25.62 1.64 -4.23
N ASP A 400 26.55 0.88 -4.84
CA ASP A 400 26.21 0.07 -6.02
C ASP A 400 25.14 -0.96 -5.64
N ALA A 401 24.13 -1.14 -6.47
CA ALA A 401 23.03 -2.06 -6.13
C ALA A 401 23.48 -3.50 -5.88
N SER A 402 24.56 -3.91 -6.54
CA SER A 402 25.14 -5.26 -6.37
C SER A 402 25.60 -5.59 -4.97
N GLN A 403 25.92 -4.56 -4.18
CA GLN A 403 26.34 -4.77 -2.81
C GLN A 403 25.22 -5.26 -1.88
N LYS A 404 23.98 -5.02 -2.28
CA LYS A 404 22.80 -5.40 -1.47
C LYS A 404 22.87 -4.93 -0.02
N ILE A 405 23.25 -3.68 0.18
CA ILE A 405 23.35 -3.13 1.52
C ILE A 405 21.98 -3.20 2.25
N GLY A 406 20.89 -2.78 1.61
CA GLY A 406 19.56 -2.85 2.23
C GLY A 406 19.22 -4.24 2.71
N PRO A 407 19.30 -5.21 1.81
CA PRO A 407 19.13 -6.60 2.19
C PRO A 407 20.06 -7.07 3.30
N GLN A 408 21.32 -6.65 3.30
CA GLN A 408 22.21 -7.02 4.39
C GLN A 408 21.71 -6.55 5.74
N VAL A 409 21.23 -5.31 5.80
CA VAL A 409 20.77 -4.79 7.06
C VAL A 409 19.49 -5.54 7.52
N ALA A 410 18.56 -5.77 6.59
CA ALA A 410 17.28 -6.49 6.89
C ALA A 410 17.59 -7.90 7.34
N THR A 411 18.57 -8.53 6.72
CA THR A 411 19.00 -9.89 7.13
C THR A 411 19.60 -9.92 8.54
N ALA A 412 20.50 -8.98 8.85
CA ALA A 412 21.04 -8.88 10.21
C ALA A 412 19.92 -8.64 11.25
N LEU A 413 18.99 -7.77 10.91
CA LEU A 413 17.87 -7.43 11.81
C LEU A 413 17.02 -8.68 12.07
N ALA A 414 16.73 -9.41 11.01
CA ALA A 414 15.91 -10.63 11.10
C ALA A 414 16.58 -11.67 12.00
N ALA A 415 17.90 -11.78 11.85
CA ALA A 415 18.64 -12.74 12.65
C ALA A 415 18.53 -12.38 14.12
N SER A 416 18.31 -11.10 14.44
CA SER A 416 18.17 -10.69 15.81
C SER A 416 16.72 -10.73 16.33
N GLY A 417 15.78 -11.22 15.51
CA GLY A 417 14.40 -11.44 15.96
C GLY A 417 13.38 -10.35 15.55
N VAL A 418 13.77 -9.46 14.62
CA VAL A 418 12.87 -8.37 14.15
C VAL A 418 12.76 -8.39 12.62
N ILE A 419 11.53 -8.36 12.12
CA ILE A 419 11.26 -8.34 10.68
C ILE A 419 10.97 -6.91 10.25
N GLY A 420 11.85 -6.40 9.40
CA GLY A 420 11.66 -5.21 8.56
C GLY A 420 11.88 -5.58 7.10
N ARG A 421 11.74 -4.64 6.19
CA ARG A 421 11.81 -4.99 4.77
C ARG A 421 12.90 -4.19 4.06
N ALA A 422 13.73 -4.88 3.27
CA ALA A 422 14.64 -4.23 2.36
C ALA A 422 13.81 -3.80 1.15
N MSE A 423 13.64 -2.50 0.97
CA MSE A 423 12.79 -1.99 -0.12
C MSE A 423 13.44 -2.10 -1.46
O MSE A 423 14.67 -2.16 -1.55
CB MSE A 423 12.43 -0.52 0.17
CG MSE A 423 12.00 -0.28 1.63
SE MSE A 423 10.40 -1.25 2.21
CE MSE A 423 9.09 -0.18 1.18
N PRO A 424 12.64 -2.16 -2.54
CA PRO A 424 13.23 -2.27 -3.86
C PRO A 424 13.85 -0.99 -4.38
N GLN A 425 14.81 -1.12 -5.29
CA GLN A 425 15.34 0.03 -6.02
C GLN A 425 16.00 1.06 -5.10
N GLY A 426 16.79 0.56 -4.17
CA GLY A 426 17.52 1.40 -3.26
C GLY A 426 18.07 0.55 -2.13
N ASP A 427 18.77 1.21 -1.22
CA ASP A 427 19.17 0.58 0.05
C ASP A 427 18.39 1.24 1.16
N ILE A 428 17.27 0.61 1.50
CA ILE A 428 16.29 1.23 2.38
C ILE A 428 15.70 0.14 3.23
N LEU A 429 15.79 0.35 4.54
CA LEU A 429 15.12 -0.53 5.51
C LEU A 429 13.79 0.09 5.93
N GLY A 430 12.71 -0.60 5.61
CA GLY A 430 11.37 -0.10 5.89
C GLY A 430 10.64 -0.82 7.01
N PHE A 431 9.75 -0.06 7.66
CA PHE A 431 8.98 -0.49 8.77
C PHE A 431 7.52 -0.07 8.58
N ALA A 432 6.62 -1.00 8.89
CA ALA A 432 5.17 -0.77 8.90
C ALA A 432 4.57 -1.62 10.03
N PRO A 433 4.88 -1.30 11.28
CA PRO A 433 4.44 -2.19 12.35
C PRO A 433 2.94 -2.25 12.55
N PRO A 434 2.44 -3.28 13.23
CA PRO A 434 1.02 -3.25 13.53
C PRO A 434 0.67 -1.99 14.31
N LEU A 435 -0.55 -1.50 14.10
CA LEU A 435 -0.95 -0.21 14.67
C LEU A 435 -1.12 -0.27 16.20
N CYS A 436 -1.09 -1.48 16.77
CA CYS A 436 -1.12 -1.69 18.21
C CYS A 436 0.26 -1.67 18.91
N LEU A 437 1.33 -1.38 18.15
CA LEU A 437 2.69 -1.38 18.68
C LEU A 437 2.76 -0.49 19.95
N THR A 438 3.36 -1.02 21.02
CA THR A 438 3.59 -0.25 22.22
C THR A 438 4.93 0.50 22.16
N ARG A 439 5.10 1.50 23.00
CA ARG A 439 6.40 2.17 23.12
C ARG A 439 7.55 1.22 23.46
N GLU A 440 7.27 0.28 24.34
CA GLU A 440 8.27 -0.71 24.76
C GLU A 440 8.68 -1.61 23.58
N GLN A 441 7.71 -1.97 22.74
CA GLN A 441 8.02 -2.78 21.55
C GLN A 441 8.80 -1.96 20.53
N ALA A 442 8.40 -0.70 20.37
CA ALA A 442 9.15 0.27 19.53
C ALA A 442 10.61 0.34 19.96
N ASP A 443 10.83 0.41 21.28
CA ASP A 443 12.20 0.49 21.80
C ASP A 443 13.04 -0.71 21.39
N ILE A 444 12.43 -1.90 21.36
CA ILE A 444 13.13 -3.12 20.98
C ILE A 444 13.50 -3.09 19.49
N VAL A 445 12.53 -2.71 18.67
CA VAL A 445 12.77 -2.56 17.25
C VAL A 445 13.90 -1.55 16.97
N VAL A 446 13.90 -0.42 17.66
CA VAL A 446 14.90 0.63 17.44
C VAL A 446 16.28 0.13 17.85
N SER A 447 16.35 -0.51 19.02
CA SER A 447 17.64 -1.01 19.52
C SER A 447 18.25 -2.03 18.60
N LYS A 448 17.44 -3.00 18.18
CA LYS A 448 17.92 -4.03 17.27
C LYS A 448 18.30 -3.44 15.91
N THR A 449 17.56 -2.43 15.44
CA THR A 449 17.92 -1.75 14.21
C THR A 449 19.30 -1.07 14.30
N ALA A 450 19.58 -0.37 15.40
CA ALA A 450 20.90 0.22 15.59
C ALA A 450 21.99 -0.85 15.60
N ASP A 451 21.73 -1.98 16.28
CA ASP A 451 22.69 -3.09 16.29
C ASP A 451 22.92 -3.59 14.86
N ALA A 452 21.85 -3.72 14.06
CA ALA A 452 21.97 -4.24 12.71
C ALA A 452 22.76 -3.27 11.78
N VAL A 453 22.50 -1.98 11.91
CA VAL A 453 23.20 -0.96 11.14
C VAL A 453 24.67 -0.99 11.51
N LYS A 454 24.96 -0.98 12.80
CA LYS A 454 26.34 -0.94 13.26
C LYS A 454 27.11 -2.12 12.74
N SER A 455 26.49 -3.30 12.82
CA SER A 455 27.08 -4.54 12.38
C SER A 455 27.44 -4.56 10.88
N VAL A 456 26.50 -4.15 10.01
CA VAL A 456 26.75 -4.18 8.59
C VAL A 456 27.86 -3.21 8.16
N PHE A 457 27.93 -2.05 8.80
CA PHE A 457 28.83 -0.98 8.36
C PHE A 457 30.18 -0.93 9.09
N ALA A 458 30.32 -1.65 10.20
CA ALA A 458 31.62 -1.89 10.83
C ALA A 458 32.23 -3.14 10.21
N1 PLP B . -1.77 -0.14 -4.27
C2 PLP B . -0.89 -0.01 -3.23
C2A PLP B . -0.57 1.36 -2.70
C3 PLP B . -0.29 -1.15 -2.66
O3 PLP B . 0.61 -1.02 -1.63
C4 PLP B . -0.62 -2.41 -3.17
C4A PLP B . -0.31 -3.66 -2.40
O4A PLP B . -0.89 -3.85 -1.32
C5 PLP B . -1.50 -2.53 -4.24
C6 PLP B . -2.10 -1.40 -4.79
C5A PLP B . -1.81 -3.91 -4.76
O4P PLP B . -2.51 -4.60 -3.76
P PLP B . -2.64 -6.21 -3.75
O1P PLP B . -3.10 -6.68 -5.10
O2P PLP B . -3.67 -6.58 -2.67
O3P PLP B . -1.26 -6.82 -3.49
C1 MPD C . 0.38 -38.06 1.30
C2 MPD C . -0.14 -37.53 -0.04
O2 MPD C . 0.99 -37.51 -0.93
CM MPD C . -1.22 -38.49 -0.58
C3 MPD C . -0.69 -36.09 -0.12
C4 MPD C . -1.81 -35.75 0.85
O4 MPD C . -1.88 -34.33 0.94
C5 MPD C . -3.17 -36.25 0.39
C1 MPD D . -24.92 11.64 1.75
C2 MPD D . -23.46 11.20 1.55
O2 MPD D . -22.71 11.72 2.66
CM MPD D . -23.30 9.66 1.62
C3 MPD D . -22.92 11.71 0.19
C4 MPD D . -22.99 13.24 -0.03
O4 MPD D . -22.03 13.94 0.75
C5 MPD D . -22.76 13.63 -1.49
#